data_1FUX
#
_entry.id   1FUX
#
_cell.length_a   49.425
_cell.length_b   55.531
_cell.length_c   60.152
_cell.angle_alpha   90.00
_cell.angle_beta   105.39
_cell.angle_gamma   90.00
#
_symmetry.space_group_name_H-M   'P 1 21 1'
#
loop_
_entity.id
_entity.type
_entity.pdbx_description
1 polymer 'HYPOTHETICAL 19.5 KDA PROTEIN IN EMRE-RUS INTERGENIC REGION'
2 water water
#
_entity_poly.entity_id   1
_entity_poly.type   'polypeptide(L)'
_entity_poly.pdbx_seq_one_letter_code
;AEFQVTSNEIKTGEQLTTSHVFSGFGCEGGNTSPSLTWSGVPEGTKSFAVTVYDPDAPTGSGWWHWTVVNIPATVTYLPV
DAGRRDGTKLPTGAVQGRNDFGYAGFGGACPPKGDKPHHYQFKVWALKTEKIPVDSNSSGALVGY(MSE)LNANKIATAE
ITPVYEIKLE
;
_entity_poly.pdbx_strand_id   A,B
#
# COMPACT_ATOMS: atom_id res chain seq x y z
N GLU A 2 0.75 6.62 28.73
CA GLU A 2 2.15 6.50 29.23
C GLU A 2 3.08 6.48 28.01
N PHE A 3 3.14 5.54 27.06
CA PHE A 3 4.12 5.77 25.95
C PHE A 3 3.82 7.05 25.20
N GLN A 4 4.79 7.97 25.05
CA GLN A 4 4.53 9.26 24.47
C GLN A 4 5.60 9.68 23.44
N VAL A 5 5.27 10.58 22.58
CA VAL A 5 6.21 11.09 21.56
C VAL A 5 5.97 12.58 21.39
N THR A 6 7.05 13.36 21.16
CA THR A 6 6.97 14.77 20.93
C THR A 6 7.81 15.16 19.68
N SER A 7 7.63 16.39 19.22
CA SER A 7 8.42 16.84 18.07
C SER A 7 8.60 18.35 18.19
N ASN A 8 9.76 18.79 17.68
CA ASN A 8 10.04 20.23 17.66
C ASN A 8 9.51 20.89 16.40
N GLU A 9 9.18 20.05 15.39
CA GLU A 9 8.71 20.55 14.12
C GLU A 9 7.25 20.27 13.77
N ILE A 10 6.60 19.25 14.33
CA ILE A 10 5.20 19.02 13.96
C ILE A 10 4.33 18.97 15.21
N LYS A 11 3.05 19.23 15.00
CA LYS A 11 2.11 19.21 16.13
C LYS A 11 0.73 18.76 15.68
N THR A 12 0.03 17.99 16.51
CA THR A 12 -1.31 17.54 16.10
C THR A 12 -2.22 18.68 15.70
N GLY A 13 -2.88 18.55 14.54
CA GLY A 13 -3.82 19.44 13.93
C GLY A 13 -3.27 20.68 13.27
N GLU A 14 -1.98 20.94 13.34
CA GLU A 14 -1.34 22.12 12.75
C GLU A 14 -0.81 21.82 11.34
N GLN A 15 -0.92 22.80 10.47
CA GLN A 15 -0.42 22.72 9.11
C GLN A 15 1.07 22.47 9.04
N LEU A 16 1.42 21.47 8.22
CA LEU A 16 2.81 21.08 8.00
C LEU A 16 3.58 22.25 7.38
N THR A 17 4.83 22.47 7.79
CA THR A 17 5.54 23.53 7.04
C THR A 17 6.13 22.89 5.77
N THR A 18 6.69 23.74 4.89
CA THR A 18 7.23 23.29 3.62
C THR A 18 8.35 22.28 3.74
N SER A 19 9.08 22.31 4.84
CA SER A 19 10.19 21.40 5.08
C SER A 19 9.67 19.96 4.98
N HIS A 20 8.42 19.71 5.40
CA HIS A 20 7.92 18.33 5.41
C HIS A 20 6.98 17.96 4.28
N VAL A 21 6.95 18.72 3.21
CA VAL A 21 6.10 18.50 2.02
C VAL A 21 6.99 17.85 0.95
N PHE A 22 6.42 16.91 0.21
CA PHE A 22 7.19 16.10 -0.74
C PHE A 22 7.80 16.98 -1.83
N SER A 23 8.80 16.44 -2.52
CA SER A 23 9.39 17.17 -3.67
C SER A 23 9.16 16.26 -4.86
N GLY A 24 8.17 16.51 -5.69
CA GLY A 24 7.75 15.64 -6.77
C GLY A 24 6.20 15.65 -6.82
N PHE A 25 5.62 15.14 -7.90
CA PHE A 25 4.20 15.16 -8.18
C PHE A 25 3.64 16.58 -8.12
N GLY A 26 4.37 17.60 -8.56
CA GLY A 26 3.93 18.97 -8.49
C GLY A 26 3.99 19.63 -7.14
N CYS A 27 4.61 19.00 -6.16
CA CYS A 27 4.81 19.54 -4.82
C CYS A 27 6.27 19.98 -4.77
N GLU A 28 6.58 21.08 -4.13
CA GLU A 28 7.93 21.63 -4.13
C GLU A 28 8.47 21.90 -2.72
N GLY A 29 8.30 20.93 -1.86
CA GLY A 29 8.72 21.00 -0.49
C GLY A 29 10.15 20.53 -0.25
N GLY A 30 10.54 20.58 1.01
CA GLY A 30 11.85 20.21 1.48
C GLY A 30 12.04 18.69 1.63
N ASN A 31 10.94 17.95 1.61
CA ASN A 31 10.94 16.50 1.78
C ASN A 31 11.84 15.99 2.90
N THR A 32 11.75 16.61 4.09
CA THR A 32 12.57 16.23 5.22
C THR A 32 11.72 15.68 6.37
N SER A 33 12.17 14.62 7.02
CA SER A 33 11.38 14.06 8.12
C SER A 33 11.57 14.94 9.34
N PRO A 34 10.50 15.18 10.09
CA PRO A 34 10.64 15.92 11.35
C PRO A 34 11.28 15.10 12.45
N SER A 35 11.89 15.80 13.45
CA SER A 35 12.45 15.08 14.58
C SER A 35 11.28 14.52 15.42
N LEU A 36 11.56 13.52 16.21
CA LEU A 36 10.64 12.84 17.11
C LEU A 36 11.42 12.37 18.34
N THR A 37 10.85 12.63 19.53
CA THR A 37 11.50 12.15 20.75
C THR A 37 10.39 11.40 21.58
N TRP A 38 10.69 10.20 21.90
CA TRP A 38 9.68 9.45 22.68
C TRP A 38 10.13 9.16 24.11
N SER A 39 9.13 8.91 24.94
CA SER A 39 9.38 8.64 26.35
C SER A 39 8.30 7.71 26.89
N GLY A 40 8.43 7.35 28.17
CA GLY A 40 7.43 6.40 28.69
C GLY A 40 7.73 5.05 28.06
N VAL A 41 8.94 4.71 27.64
CA VAL A 41 9.12 3.43 27.00
C VAL A 41 8.65 2.31 27.94
N PRO A 42 7.87 1.40 27.36
CA PRO A 42 7.30 0.33 28.13
C PRO A 42 8.26 -0.78 28.42
N GLU A 43 7.98 -1.38 29.59
CA GLU A 43 8.76 -2.54 30.05
C GLU A 43 8.52 -3.58 28.96
N GLY A 44 9.53 -4.30 28.56
CA GLY A 44 9.57 -5.26 27.51
C GLY A 44 10.07 -4.74 26.15
N THR A 45 10.23 -3.43 25.97
CA THR A 45 10.67 -2.95 24.63
C THR A 45 12.01 -3.43 24.15
N LYS A 46 12.18 -3.96 22.93
CA LYS A 46 13.42 -4.45 22.38
C LYS A 46 13.86 -3.81 21.06
N SER A 47 13.04 -2.90 20.59
CA SER A 47 13.30 -2.09 19.42
C SER A 47 12.11 -1.11 19.21
N PHE A 48 12.42 -0.11 18.38
CA PHE A 48 11.37 0.87 18.06
C PHE A 48 11.15 0.96 16.53
N ALA A 49 9.99 1.50 16.19
CA ALA A 49 9.74 1.66 14.73
C ALA A 49 8.99 2.96 14.58
N VAL A 50 9.09 3.62 13.40
CA VAL A 50 8.32 4.83 13.19
C VAL A 50 7.57 4.65 11.84
N THR A 51 6.29 5.00 11.78
CA THR A 51 5.60 4.90 10.50
C THR A 51 4.90 6.23 10.29
N VAL A 52 4.61 6.59 9.00
CA VAL A 52 3.93 7.81 8.66
C VAL A 52 2.90 7.37 7.61
N TYR A 53 1.64 7.62 7.93
CA TYR A 53 0.54 7.12 7.09
C TYR A 53 -0.57 8.13 6.93
N ASP A 54 -1.09 8.25 5.70
CA ASP A 54 -2.23 9.14 5.46
C ASP A 54 -3.41 8.28 5.02
N PRO A 55 -4.42 8.17 5.89
CA PRO A 55 -5.62 7.42 5.57
C PRO A 55 -6.51 8.14 4.58
N ASP A 56 -6.35 9.45 4.36
CA ASP A 56 -7.24 10.18 3.46
C ASP A 56 -6.80 10.19 2.00
N ALA A 57 -5.62 9.62 1.69
CA ALA A 57 -5.20 9.64 0.28
C ALA A 57 -6.21 8.86 -0.53
N PRO A 58 -6.59 9.37 -1.70
CA PRO A 58 -7.66 8.76 -2.49
C PRO A 58 -7.18 7.59 -3.31
N THR A 59 -6.81 6.50 -2.66
CA THR A 59 -6.17 5.39 -3.41
C THR A 59 -6.82 4.06 -3.12
N GLY A 60 -7.63 3.99 -2.07
CA GLY A 60 -8.17 2.70 -1.65
C GLY A 60 -7.37 2.05 -0.53
N SER A 61 -6.16 2.52 -0.26
CA SER A 61 -5.32 1.92 0.79
C SER A 61 -4.50 3.01 1.53
N GLY A 62 -4.93 4.25 1.45
CA GLY A 62 -4.23 5.37 2.08
C GLY A 62 -2.85 5.52 1.41
N TRP A 63 -1.86 5.96 2.15
CA TRP A 63 -0.53 6.21 1.60
C TRP A 63 0.51 6.05 2.70
N TRP A 64 1.46 5.16 2.43
CA TRP A 64 2.58 5.01 3.39
C TRP A 64 3.64 6.03 3.05
N HIS A 65 3.93 7.00 3.91
CA HIS A 65 4.94 8.03 3.64
C HIS A 65 6.31 7.66 4.18
N TRP A 66 6.37 6.81 5.21
CA TRP A 66 7.70 6.42 5.73
C TRP A 66 7.59 5.19 6.59
N THR A 67 8.56 4.30 6.60
CA THR A 67 8.58 3.22 7.58
C THR A 67 10.06 3.11 8.00
N VAL A 68 10.32 3.06 9.29
CA VAL A 68 11.68 2.85 9.77
C VAL A 68 11.57 1.81 10.92
N VAL A 69 12.37 0.77 10.84
CA VAL A 69 12.21 -0.23 11.92
C VAL A 69 13.60 -0.56 12.42
N ASN A 70 13.61 -1.43 13.45
CA ASN A 70 14.89 -1.90 14.01
C ASN A 70 15.67 -0.74 14.61
N ILE A 71 14.95 0.21 15.17
CA ILE A 71 15.59 1.27 15.94
C ILE A 71 15.98 0.57 17.26
N PRO A 72 17.26 0.57 17.58
CA PRO A 72 17.71 -0.06 18.82
C PRO A 72 16.95 0.46 20.01
N ALA A 73 16.72 -0.44 20.99
CA ALA A 73 15.98 -0.11 22.20
C ALA A 73 16.66 0.98 23.02
N THR A 74 17.95 1.24 22.79
CA THR A 74 18.62 2.34 23.49
C THR A 74 18.43 3.72 22.88
N VAL A 75 17.80 3.84 21.71
CA VAL A 75 17.60 5.20 21.19
C VAL A 75 16.20 5.71 21.43
N THR A 76 16.02 6.98 21.80
CA THR A 76 14.72 7.57 22.08
C THR A 76 14.51 8.82 21.22
N TYR A 77 15.22 8.85 20.07
CA TYR A 77 15.13 10.06 19.27
C TYR A 77 15.49 9.84 17.81
N LEU A 78 14.79 10.49 16.94
CA LEU A 78 15.11 10.58 15.53
C LEU A 78 15.34 12.06 15.25
N PRO A 79 16.51 12.36 14.70
CA PRO A 79 16.79 13.75 14.34
C PRO A 79 16.09 14.16 13.07
N VAL A 80 16.01 15.46 12.84
CA VAL A 80 15.45 15.98 11.58
C VAL A 80 16.23 15.38 10.39
N ASP A 81 15.43 15.00 9.38
CA ASP A 81 15.99 14.38 8.18
C ASP A 81 16.54 13.00 8.40
N ALA A 82 16.25 12.24 9.47
CA ALA A 82 16.71 10.90 9.64
C ALA A 82 16.20 9.99 8.48
N GLY A 83 15.10 10.38 7.85
CA GLY A 83 14.54 9.56 6.78
C GLY A 83 15.08 9.83 5.40
N ARG A 84 16.23 10.55 5.27
CA ARG A 84 16.71 10.74 3.91
C ARG A 84 17.08 9.37 3.33
N ARG A 85 16.75 9.16 2.04
CA ARG A 85 16.94 7.86 1.42
C ARG A 85 18.39 7.44 1.24
N ASP A 86 19.35 8.35 1.32
CA ASP A 86 20.74 7.92 1.26
C ASP A 86 21.24 7.27 2.55
N GLY A 87 20.44 7.25 3.60
CA GLY A 87 20.69 6.65 4.89
C GLY A 87 21.72 7.35 5.76
N THR A 88 22.13 8.55 5.38
CA THR A 88 23.25 9.23 6.05
C THR A 88 22.89 9.74 7.43
N LYS A 89 21.61 9.83 7.78
CA LYS A 89 21.21 10.32 9.06
C LYS A 89 20.40 9.24 9.81
N LEU A 90 20.38 8.02 9.34
CA LEU A 90 19.65 6.98 10.08
C LEU A 90 20.48 6.45 11.26
N PRO A 91 19.86 6.23 12.41
CA PRO A 91 20.57 5.66 13.54
C PRO A 91 21.07 4.29 13.17
N THR A 92 22.27 3.91 13.62
CA THR A 92 22.85 2.64 13.25
C THR A 92 21.96 1.51 13.75
N GLY A 93 21.78 0.53 12.90
CA GLY A 93 20.94 -0.62 13.10
C GLY A 93 19.57 -0.50 12.45
N ALA A 94 19.11 0.73 12.21
CA ALA A 94 17.72 0.89 11.74
C ALA A 94 17.71 0.68 10.25
N VAL A 95 16.54 0.35 9.70
CA VAL A 95 16.38 0.03 8.30
C VAL A 95 15.06 0.70 7.85
N GLN A 96 15.03 1.21 6.62
CA GLN A 96 13.81 1.86 6.13
C GLN A 96 13.16 0.95 5.09
N GLY A 97 11.84 0.81 5.16
CA GLY A 97 11.08 -0.01 4.25
C GLY A 97 10.68 0.89 3.05
N ARG A 98 10.03 0.30 2.05
CA ARG A 98 9.65 1.12 0.89
C ARG A 98 8.38 1.92 1.10
N ASN A 99 8.33 3.18 0.78
CA ASN A 99 7.12 4.00 0.90
C ASN A 99 6.27 3.89 -0.38
N ASP A 100 5.09 4.50 -0.42
CA ASP A 100 4.19 4.36 -1.58
C ASP A 100 4.67 5.17 -2.75
N PHE A 101 5.60 6.13 -2.52
CA PHE A 101 6.22 6.82 -3.63
C PHE A 101 7.18 5.91 -4.36
N GLY A 102 7.65 4.84 -3.76
CA GLY A 102 8.52 3.88 -4.41
C GLY A 102 9.97 3.89 -3.95
N TYR A 103 10.27 4.51 -2.81
CA TYR A 103 11.64 4.48 -2.31
C TYR A 103 11.69 4.23 -0.80
N ALA A 104 12.88 3.80 -0.35
CA ALA A 104 13.09 3.54 1.06
C ALA A 104 13.61 4.80 1.78
N GLY A 105 12.70 5.56 2.33
CA GLY A 105 13.07 6.87 2.95
C GLY A 105 11.76 7.59 3.17
N PHE A 106 11.82 8.70 3.84
CA PHE A 106 10.66 9.54 4.13
C PHE A 106 10.26 10.29 2.88
N GLY A 107 8.96 10.28 2.61
CA GLY A 107 8.41 11.09 1.51
C GLY A 107 7.31 11.96 2.14
N GLY A 108 7.36 13.28 1.93
CA GLY A 108 6.45 14.18 2.62
C GLY A 108 5.03 14.25 2.07
N ALA A 109 4.26 15.20 2.57
CA ALA A 109 2.87 15.31 2.17
C ALA A 109 2.75 15.81 0.74
N CYS A 110 1.69 15.41 0.07
CA CYS A 110 1.43 15.97 -1.26
C CYS A 110 0.00 15.66 -1.64
N PRO A 111 -0.96 16.27 -0.95
CA PRO A 111 -2.38 16.07 -1.21
C PRO A 111 -2.85 16.75 -2.48
N PRO A 112 -3.98 16.27 -3.03
CA PRO A 112 -4.56 16.88 -4.19
C PRO A 112 -4.92 18.34 -3.93
N LYS A 113 -4.73 19.17 -4.95
CA LYS A 113 -5.08 20.59 -4.81
C LYS A 113 -6.57 20.72 -4.51
N GLY A 114 -6.92 21.57 -3.57
CA GLY A 114 -8.33 21.79 -3.23
C GLY A 114 -8.98 20.77 -2.32
N ASP A 115 -8.27 19.71 -1.95
CA ASP A 115 -8.85 18.69 -1.10
C ASP A 115 -9.03 19.11 0.35
N LYS A 116 -9.85 18.31 1.07
CA LYS A 116 -9.99 18.56 2.52
C LYS A 116 -8.58 18.33 3.09
N PRO A 117 -8.24 18.86 4.24
CA PRO A 117 -6.93 18.65 4.83
C PRO A 117 -6.73 17.17 5.08
N HIS A 118 -5.52 16.66 4.87
CA HIS A 118 -5.26 15.26 5.15
C HIS A 118 -4.57 15.23 6.50
N HIS A 119 -4.78 14.12 7.18
CA HIS A 119 -4.24 13.90 8.52
C HIS A 119 -3.07 12.96 8.41
N TYR A 120 -1.85 13.39 8.65
CA TYR A 120 -0.69 12.53 8.48
C TYR A 120 -0.34 11.92 9.84
N GLN A 121 -0.54 10.64 10.00
CA GLN A 121 -0.28 10.00 11.31
C GLN A 121 1.18 9.62 11.40
N PHE A 122 1.89 10.33 12.30
CA PHE A 122 3.30 10.05 12.59
C PHE A 122 3.24 9.22 13.87
N LYS A 123 3.62 7.96 13.76
CA LYS A 123 3.46 7.04 14.87
C LYS A 123 4.72 6.31 15.26
N VAL A 124 5.03 6.31 16.59
CA VAL A 124 6.16 5.55 17.05
C VAL A 124 5.67 4.28 17.73
N TRP A 125 6.31 3.17 17.51
CA TRP A 125 5.99 1.84 18.00
C TRP A 125 7.09 1.29 18.91
N ALA A 126 6.68 0.76 20.05
CA ALA A 126 7.54 0.06 20.99
C ALA A 126 7.29 -1.43 20.72
N LEU A 127 8.28 -2.15 20.29
CA LEU A 127 8.06 -3.55 19.94
C LEU A 127 8.74 -4.54 20.88
N LYS A 128 8.12 -5.73 20.94
CA LYS A 128 8.62 -6.81 21.78
C LYS A 128 9.69 -7.66 21.12
N THR A 129 10.22 -7.31 19.96
CA THR A 129 11.25 -8.05 19.28
C THR A 129 12.44 -7.13 18.92
N GLU A 130 13.63 -7.67 18.92
CA GLU A 130 14.79 -6.86 18.57
C GLU A 130 14.89 -6.58 17.07
N LYS A 131 14.63 -7.53 16.21
CA LYS A 131 14.79 -7.35 14.78
C LYS A 131 13.61 -7.95 14.01
N ILE A 132 13.14 -7.21 13.02
CA ILE A 132 12.07 -7.75 12.16
C ILE A 132 12.69 -7.75 10.76
N PRO A 133 12.47 -8.76 9.95
CA PRO A 133 13.10 -8.90 8.67
C PRO A 133 12.58 -7.90 7.65
N VAL A 134 13.01 -6.66 7.69
CA VAL A 134 12.57 -5.70 6.70
C VAL A 134 13.78 -5.22 5.91
N ASP A 135 13.51 -4.92 4.65
CA ASP A 135 14.58 -4.40 3.81
C ASP A 135 14.02 -3.28 2.96
N SER A 136 14.81 -2.79 2.01
CA SER A 136 14.33 -1.67 1.21
C SER A 136 13.19 -2.05 0.31
N ASN A 137 12.97 -3.34 0.07
CA ASN A 137 11.85 -3.75 -0.78
C ASN A 137 10.60 -4.05 0.05
N SER A 138 10.63 -4.01 1.37
CA SER A 138 9.43 -4.32 2.14
C SER A 138 8.33 -3.30 1.96
N SER A 139 7.16 -3.67 1.41
CA SER A 139 6.09 -2.68 1.28
C SER A 139 5.58 -2.18 2.63
N GLY A 140 4.88 -1.06 2.63
CA GLY A 140 4.31 -0.55 3.88
C GLY A 140 3.38 -1.56 4.54
N ALA A 141 2.53 -2.25 3.77
CA ALA A 141 1.69 -3.29 4.36
C ALA A 141 2.45 -4.41 5.04
N LEU A 142 3.55 -4.87 4.40
CA LEU A 142 4.36 -5.93 4.95
C LEU A 142 4.98 -5.48 6.27
N VAL A 143 5.47 -4.23 6.28
CA VAL A 143 6.02 -3.69 7.53
C VAL A 143 4.91 -3.61 8.55
N GLY A 144 3.73 -3.11 8.15
CA GLY A 144 2.59 -2.93 9.06
C GLY A 144 2.13 -4.24 9.67
N TYR A 145 2.25 -5.28 8.86
CA TYR A 145 1.89 -6.61 9.32
C TYR A 145 2.79 -6.95 10.50
N LEU A 147 4.73 -4.96 12.44
CA LEU A 147 4.65 -4.10 13.62
C LEU A 147 3.42 -4.43 14.46
N ASN A 148 2.27 -4.64 13.78
CA ASN A 148 1.08 -4.94 14.59
C ASN A 148 1.27 -6.26 15.35
N ALA A 149 1.95 -7.24 14.83
CA ALA A 149 2.23 -8.51 15.46
C ALA A 149 3.23 -8.41 16.62
N ASN A 150 4.03 -7.35 16.64
CA ASN A 150 5.06 -7.20 17.69
C ASN A 150 4.84 -5.99 18.55
N LYS A 151 3.74 -5.28 18.39
CA LYS A 151 3.42 -4.10 19.16
C LYS A 151 3.28 -4.31 20.68
N ILE A 152 3.89 -3.43 21.47
CA ILE A 152 3.67 -3.36 22.90
C ILE A 152 2.79 -2.12 23.09
N ALA A 153 3.24 -0.98 22.55
CA ALA A 153 2.53 0.26 22.66
C ALA A 153 2.82 1.23 21.52
N THR A 154 1.98 2.23 21.29
CA THR A 154 2.27 3.21 20.24
C THR A 154 1.88 4.60 20.74
N ALA A 155 2.54 5.63 20.15
CA ALA A 155 2.19 7.00 20.41
C ALA A 155 2.24 7.75 19.06
N GLU A 156 1.41 8.73 18.90
CA GLU A 156 1.42 9.39 17.59
C GLU A 156 1.12 10.86 17.63
N ILE A 157 1.62 11.58 16.61
CA ILE A 157 1.32 12.98 16.38
C ILE A 157 0.64 13.10 15.02
N THR A 158 -0.40 13.88 14.88
CA THR A 158 -1.13 13.96 13.62
C THR A 158 -1.32 15.37 13.07
N PRO A 159 -0.29 15.89 12.40
CA PRO A 159 -0.36 17.15 11.71
C PRO A 159 -1.22 17.02 10.47
N VAL A 160 -1.55 18.17 9.88
CA VAL A 160 -2.45 18.19 8.73
C VAL A 160 -1.75 18.95 7.60
N TYR A 161 -2.30 18.85 6.40
CA TYR A 161 -1.73 19.63 5.31
C TYR A 161 -2.81 19.76 4.24
N GLU A 162 -2.85 20.94 3.66
CA GLU A 162 -3.82 21.21 2.59
C GLU A 162 -3.14 22.17 1.61
N ILE A 163 -3.51 22.04 0.34
CA ILE A 163 -3.08 22.89 -0.77
C ILE A 163 -4.36 23.46 -1.40
N LYS A 164 -4.69 24.74 -1.17
CA LYS A 164 -5.91 25.32 -1.73
C LYS A 164 -5.79 25.52 -3.23
N LEU A 165 -6.83 25.39 -4.04
CA LEU A 165 -6.68 25.61 -5.51
C LEU A 165 -6.28 27.06 -5.74
N GLU A 166 -6.97 27.92 -5.13
CA GLU A 166 -7.60 29.01 -4.56
C GLU A 166 -8.77 28.12 -3.94
N ALA B 1 -24.01 -1.06 -12.92
CA ALA B 1 -24.97 -2.20 -13.06
C ALA B 1 -24.72 -3.01 -14.31
N GLU B 2 -24.58 -2.37 -15.46
CA GLU B 2 -24.36 -2.87 -16.79
C GLU B 2 -22.92 -3.37 -16.88
N PHE B 3 -22.03 -2.58 -16.32
CA PHE B 3 -20.61 -2.96 -16.32
C PHE B 3 -20.41 -4.03 -15.26
N GLN B 4 -20.21 -5.25 -15.71
CA GLN B 4 -20.10 -6.43 -14.89
C GLN B 4 -18.88 -7.25 -15.27
N VAL B 5 -18.53 -8.10 -14.29
CA VAL B 5 -17.45 -9.05 -14.46
C VAL B 5 -17.78 -10.40 -13.86
N THR B 6 -17.39 -11.48 -14.51
CA THR B 6 -17.55 -12.84 -14.05
C THR B 6 -16.24 -13.60 -14.23
N SER B 7 -16.20 -14.80 -13.71
CA SER B 7 -15.05 -15.67 -13.82
C SER B 7 -15.55 -17.12 -13.93
N ASN B 8 -14.71 -17.94 -14.56
CA ASN B 8 -15.02 -19.37 -14.58
C ASN B 8 -14.43 -20.06 -13.36
N GLU B 9 -13.56 -19.44 -12.57
CA GLU B 9 -12.91 -20.02 -11.43
C GLU B 9 -13.33 -19.44 -10.08
N ILE B 10 -13.80 -18.19 -10.02
CA ILE B 10 -14.18 -17.65 -8.71
C ILE B 10 -15.57 -17.05 -8.77
N LYS B 11 -16.21 -16.89 -7.63
CA LYS B 11 -17.55 -16.27 -7.61
C LYS B 11 -17.70 -15.51 -6.28
N THR B 12 -18.44 -14.45 -6.23
CA THR B 12 -18.65 -13.68 -5.00
C THR B 12 -19.17 -14.57 -3.88
N GLY B 13 -18.58 -14.46 -2.70
CA GLY B 13 -19.01 -15.19 -1.53
C GLY B 13 -18.51 -16.62 -1.40
N GLU B 14 -17.85 -17.18 -2.38
CA GLU B 14 -17.41 -18.57 -2.38
C GLU B 14 -15.92 -18.68 -2.10
N GLN B 15 -15.59 -19.68 -1.30
CA GLN B 15 -14.23 -19.97 -0.89
C GLN B 15 -13.34 -20.22 -2.08
N LEU B 16 -12.22 -19.45 -2.11
CA LEU B 16 -11.24 -19.68 -3.17
C LEU B 16 -10.70 -21.10 -3.15
N THR B 17 -10.37 -21.68 -4.29
CA THR B 17 -9.73 -22.98 -4.39
C THR B 17 -8.22 -22.80 -4.29
N THR B 18 -7.47 -23.88 -4.12
CA THR B 18 -6.05 -23.89 -3.92
C THR B 18 -5.22 -23.23 -5.02
N SER B 19 -5.75 -23.27 -6.22
CA SER B 19 -5.17 -22.68 -7.40
C SER B 19 -4.90 -21.18 -7.26
N HIS B 20 -5.72 -20.46 -6.50
CA HIS B 20 -5.60 -19.01 -6.35
C HIS B 20 -5.08 -18.58 -4.99
N VAL B 21 -4.47 -19.50 -4.28
CA VAL B 21 -3.86 -19.27 -2.98
C VAL B 21 -2.36 -18.99 -3.13
N PHE B 22 -1.78 -18.15 -2.28
CA PHE B 22 -0.36 -17.81 -2.46
C PHE B 22 0.56 -19.02 -2.24
N SER B 23 1.76 -18.96 -2.82
CA SER B 23 2.74 -19.99 -2.52
C SER B 23 3.81 -19.32 -1.64
N GLY B 24 3.69 -19.46 -0.33
CA GLY B 24 4.64 -18.77 0.56
C GLY B 24 3.93 -18.42 1.86
N PHE B 25 4.72 -18.08 2.88
CA PHE B 25 4.20 -17.72 4.20
C PHE B 25 3.38 -18.84 4.80
N GLY B 26 3.77 -20.10 4.66
CA GLY B 26 2.98 -21.22 5.19
C GLY B 26 1.81 -21.65 4.31
N CYS B 27 1.41 -20.87 3.34
CA CYS B 27 0.33 -21.14 2.39
C CYS B 27 0.94 -21.89 1.22
N GLU B 28 0.43 -23.04 0.79
CA GLU B 28 1.03 -23.79 -0.32
C GLU B 28 0.02 -23.92 -1.45
N GLY B 29 -0.28 -22.82 -2.15
CA GLY B 29 -1.26 -22.78 -3.21
C GLY B 29 -0.68 -22.70 -4.61
N GLY B 30 -1.53 -22.71 -5.64
CA GLY B 30 -1.11 -22.63 -7.03
C GLY B 30 -0.60 -21.26 -7.48
N ASN B 31 -0.96 -20.21 -6.73
CA ASN B 31 -0.61 -18.83 -7.01
C ASN B 31 -0.88 -18.38 -8.44
N THR B 32 -2.04 -18.70 -8.98
CA THR B 32 -2.44 -18.37 -10.33
C THR B 32 -3.65 -17.44 -10.37
N SER B 33 -3.63 -16.41 -11.22
CA SER B 33 -4.78 -15.48 -11.30
C SER B 33 -5.97 -16.16 -11.96
N PRO B 34 -7.17 -16.02 -11.42
CA PRO B 34 -8.35 -16.59 -12.08
C PRO B 34 -8.65 -15.82 -13.32
N SER B 35 -9.38 -16.43 -14.27
CA SER B 35 -9.81 -15.71 -15.44
C SER B 35 -10.90 -14.72 -15.06
N LEU B 36 -11.04 -13.68 -15.85
CA LEU B 36 -11.99 -12.61 -15.66
C LEU B 36 -12.59 -12.25 -17.01
N THR B 37 -13.89 -12.10 -17.10
CA THR B 37 -14.55 -11.73 -18.34
C THR B 37 -15.52 -10.63 -18.01
N TRP B 38 -15.38 -9.44 -18.58
CA TRP B 38 -16.25 -8.35 -18.31
C TRP B 38 -17.27 -8.14 -19.42
N SER B 39 -18.25 -7.36 -19.09
CA SER B 39 -19.35 -7.18 -20.08
C SER B 39 -19.95 -5.84 -19.81
N GLY B 40 -20.76 -5.28 -20.71
CA GLY B 40 -21.33 -3.96 -20.41
C GLY B 40 -20.26 -2.88 -20.45
N VAL B 41 -19.28 -2.96 -21.35
CA VAL B 41 -18.30 -1.84 -21.26
C VAL B 41 -18.96 -0.49 -21.50
N PRO B 42 -18.72 0.41 -20.56
CA PRO B 42 -19.18 1.77 -20.61
C PRO B 42 -18.70 2.51 -21.86
N GLU B 43 -19.59 3.31 -22.45
CA GLU B 43 -19.26 4.09 -23.63
C GLU B 43 -18.12 5.05 -23.28
N GLY B 44 -17.14 5.14 -24.19
CA GLY B 44 -16.05 6.08 -23.97
C GLY B 44 -14.94 5.48 -23.11
N THR B 45 -14.95 4.17 -22.89
CA THR B 45 -13.89 3.57 -22.07
C THR B 45 -12.62 3.58 -22.91
N LYS B 46 -11.49 4.06 -22.41
CA LYS B 46 -10.28 4.10 -23.24
C LYS B 46 -9.26 3.06 -22.86
N SER B 47 -9.40 2.46 -21.67
CA SER B 47 -8.57 1.37 -21.20
C SER B 47 -9.20 0.70 -19.97
N PHE B 48 -8.75 -0.50 -19.68
CA PHE B 48 -9.21 -1.20 -18.47
C PHE B 48 -8.00 -1.46 -17.55
N ALA B 49 -8.34 -1.77 -16.30
CA ALA B 49 -7.34 -2.16 -15.30
C ALA B 49 -7.98 -3.22 -14.41
N VAL B 50 -7.21 -4.02 -13.72
CA VAL B 50 -7.73 -5.01 -12.77
C VAL B 50 -6.91 -4.85 -11.51
N THR B 51 -7.61 -4.83 -10.36
CA THR B 51 -6.88 -4.79 -9.09
C THR B 51 -7.48 -5.88 -8.21
N VAL B 52 -6.70 -6.42 -7.29
CA VAL B 52 -7.20 -7.42 -6.31
C VAL B 52 -6.68 -6.87 -4.98
N TYR B 53 -7.57 -6.77 -4.00
CA TYR B 53 -7.23 -6.14 -2.72
C TYR B 53 -7.97 -6.81 -1.57
N ASP B 54 -7.25 -7.04 -0.49
CA ASP B 54 -7.88 -7.64 0.70
C ASP B 54 -7.97 -6.53 1.73
N PRO B 55 -9.14 -6.03 2.06
CA PRO B 55 -9.30 -5.02 3.11
C PRO B 55 -9.05 -5.59 4.51
N ASP B 56 -9.07 -6.92 4.70
CA ASP B 56 -9.05 -7.52 6.02
C ASP B 56 -7.66 -7.90 6.50
N ALA B 57 -6.61 -7.82 5.69
CA ALA B 57 -5.25 -8.09 6.06
C ALA B 57 -4.90 -7.08 7.16
N PRO B 58 -4.48 -7.56 8.32
CA PRO B 58 -4.27 -6.75 9.51
C PRO B 58 -2.99 -5.94 9.44
N THR B 59 -2.92 -5.01 8.48
CA THR B 59 -1.66 -4.29 8.29
C THR B 59 -1.79 -2.82 8.56
N GLY B 60 -3.01 -2.27 8.49
CA GLY B 60 -3.15 -0.82 8.57
C GLY B 60 -3.44 -0.27 7.16
N SER B 61 -3.24 -1.17 6.16
CA SER B 61 -3.56 -0.67 4.80
C SER B 61 -4.17 -1.78 3.93
N GLY B 62 -4.63 -2.86 4.52
CA GLY B 62 -5.10 -4.02 3.68
C GLY B 62 -3.87 -4.66 3.06
N TRP B 63 -4.09 -5.28 1.89
CA TRP B 63 -3.06 -5.93 1.10
C TRP B 63 -3.38 -5.89 -0.40
N TRP B 64 -2.46 -5.40 -1.20
CA TRP B 64 -2.66 -5.40 -2.66
C TRP B 64 -2.05 -6.69 -3.26
N HIS B 65 -2.90 -7.55 -3.84
CA HIS B 65 -2.46 -8.83 -4.37
C HIS B 65 -2.11 -8.74 -5.84
N TRP B 66 -2.72 -7.80 -6.56
CA TRP B 66 -2.46 -7.77 -8.03
C TRP B 66 -2.89 -6.45 -8.61
N THR B 67 -2.06 -5.86 -9.50
CA THR B 67 -2.51 -4.70 -10.23
C THR B 67 -2.04 -4.88 -11.70
N VAL B 68 -2.94 -4.60 -12.61
CA VAL B 68 -2.59 -4.67 -14.04
C VAL B 68 -3.29 -3.47 -14.69
N VAL B 69 -2.67 -2.63 -15.46
CA VAL B 69 -3.29 -1.46 -16.04
C VAL B 69 -2.97 -1.45 -17.56
N ASN B 70 -3.57 -0.49 -18.21
CA ASN B 70 -3.31 -0.29 -19.65
C ASN B 70 -3.73 -1.50 -20.47
N ILE B 71 -4.79 -2.17 -20.02
CA ILE B 71 -5.40 -3.22 -20.85
C ILE B 71 -6.15 -2.44 -21.90
N PRO B 72 -5.93 -2.78 -23.20
CA PRO B 72 -6.58 -2.01 -24.26
C PRO B 72 -8.09 -2.04 -24.12
N ALA B 73 -8.79 -1.02 -24.59
CA ALA B 73 -10.26 -1.04 -24.52
C ALA B 73 -10.88 -2.08 -25.46
N THR B 74 -10.07 -2.69 -26.32
CA THR B 74 -10.64 -3.70 -27.23
C THR B 74 -10.54 -5.07 -26.59
N VAL B 75 -10.05 -5.23 -25.32
CA VAL B 75 -9.95 -6.57 -24.80
C VAL B 75 -10.85 -6.65 -23.55
N THR B 76 -11.73 -7.67 -23.58
CA THR B 76 -12.77 -7.74 -22.55
C THR B 76 -12.73 -9.00 -21.74
N TYR B 77 -11.58 -9.63 -21.71
CA TYR B 77 -11.35 -10.83 -20.93
C TYR B 77 -9.92 -11.04 -20.58
N LEU B 78 -9.54 -11.58 -19.44
CA LEU B 78 -8.22 -12.01 -19.07
C LEU B 78 -8.29 -13.52 -18.78
N PRO B 79 -7.39 -14.28 -19.40
CA PRO B 79 -7.32 -15.73 -19.22
C PRO B 79 -6.73 -16.10 -17.89
N VAL B 80 -6.90 -17.36 -17.48
CA VAL B 80 -6.33 -17.84 -16.24
CA VAL B 80 -6.33 -17.85 -16.24
C VAL B 80 -4.81 -17.62 -16.30
N ASP B 81 -4.21 -17.25 -15.18
CA ASP B 81 -2.79 -17.05 -15.08
C ASP B 81 -2.26 -15.87 -15.87
N ALA B 82 -3.09 -14.90 -16.25
CA ALA B 82 -2.58 -13.71 -16.91
C ALA B 82 -1.71 -12.86 -15.97
N GLY B 83 -1.76 -13.10 -14.67
CA GLY B 83 -0.96 -12.36 -13.69
C GLY B 83 0.38 -12.97 -13.42
N ARG B 84 0.81 -13.95 -14.27
CA ARG B 84 2.09 -14.57 -13.97
C ARG B 84 3.17 -13.50 -14.09
N ARG B 85 4.12 -13.52 -13.18
CA ARG B 85 5.12 -12.45 -13.10
C ARG B 85 6.11 -12.36 -14.23
N ASP B 86 6.23 -13.40 -15.08
CA ASP B 86 7.12 -13.26 -16.26
C ASP B 86 6.41 -12.52 -17.35
N GLY B 87 5.12 -12.16 -17.20
CA GLY B 87 4.37 -11.39 -18.17
C GLY B 87 4.07 -12.04 -19.48
N THR B 88 4.22 -13.38 -19.59
CA THR B 88 3.97 -14.02 -20.86
C THR B 88 2.50 -14.20 -21.19
N LYS B 89 1.60 -13.96 -20.22
CA LYS B 89 0.17 -14.14 -20.62
C LYS B 89 -0.60 -12.83 -20.54
N LEU B 90 0.11 -11.68 -20.46
CA LEU B 90 -0.58 -10.40 -20.46
C LEU B 90 -1.05 -9.97 -21.84
N PRO B 91 -2.19 -9.28 -21.92
CA PRO B 91 -2.65 -8.73 -23.18
C PRO B 91 -1.60 -7.71 -23.58
N THR B 92 -1.43 -7.59 -24.89
CA THR B 92 -0.42 -6.66 -25.43
C THR B 92 -0.74 -5.26 -24.99
N GLY B 93 0.26 -4.55 -24.42
CA GLY B 93 0.03 -3.16 -23.97
C GLY B 93 -0.14 -3.07 -22.46
N ALA B 94 -0.54 -4.14 -21.80
CA ALA B 94 -0.80 -4.07 -20.33
C ALA B 94 0.49 -4.19 -19.53
N VAL B 95 0.44 -3.62 -18.33
CA VAL B 95 1.60 -3.59 -17.44
C VAL B 95 1.15 -3.92 -16.04
N GLN B 96 1.97 -4.64 -15.32
CA GLN B 96 1.67 -5.00 -13.93
C GLN B 96 2.44 -4.08 -12.97
N GLY B 97 1.76 -3.66 -11.90
CA GLY B 97 2.38 -2.89 -10.84
C GLY B 97 2.87 -3.87 -9.76
N ARG B 98 3.49 -3.27 -8.75
CA ARG B 98 4.08 -4.03 -7.67
C ARG B 98 3.02 -4.41 -6.62
N ASN B 99 2.90 -5.67 -6.27
CA ASN B 99 1.97 -6.08 -5.22
C ASN B 99 2.63 -5.94 -3.87
N ASP B 100 1.87 -6.18 -2.79
CA ASP B 100 2.42 -6.07 -1.45
C ASP B 100 3.38 -7.17 -1.07
N PHE B 101 3.40 -8.26 -1.83
CA PHE B 101 4.38 -9.30 -1.63
C PHE B 101 5.72 -8.79 -2.19
N GLY B 102 5.78 -7.71 -2.96
CA GLY B 102 7.12 -7.28 -3.37
C GLY B 102 7.43 -7.62 -4.79
N TYR B 103 6.47 -8.10 -5.57
CA TYR B 103 6.70 -8.38 -6.98
C TYR B 103 5.55 -7.95 -7.89
N ALA B 104 5.87 -7.78 -9.18
CA ALA B 104 4.93 -7.33 -10.17
C ALA B 104 4.16 -8.48 -10.82
N GLY B 105 2.98 -8.74 -10.32
CA GLY B 105 2.17 -9.85 -10.87
C GLY B 105 1.17 -10.25 -9.81
N PHE B 106 0.36 -11.29 -10.13
CA PHE B 106 -0.59 -11.81 -9.15
C PHE B 106 0.02 -12.63 -8.05
N GLY B 107 -0.34 -12.31 -6.81
CA GLY B 107 -0.05 -13.02 -5.58
C GLY B 107 -1.38 -13.44 -4.92
N GLY B 108 -1.63 -14.75 -4.79
CA GLY B 108 -2.92 -15.17 -4.21
C GLY B 108 -3.13 -14.97 -2.72
N ALA B 109 -4.28 -15.50 -2.20
CA ALA B 109 -4.65 -15.40 -0.82
C ALA B 109 -3.68 -16.05 0.18
N CYS B 110 -3.57 -15.44 1.37
CA CYS B 110 -2.76 -16.01 2.45
C CYS B 110 -3.12 -15.39 3.79
N PRO B 111 -4.35 -15.59 4.25
CA PRO B 111 -4.84 -15.02 5.49
C PRO B 111 -4.23 -15.67 6.72
N PRO B 112 -4.26 -14.99 7.86
CA PRO B 112 -3.74 -15.53 9.11
C PRO B 112 -4.49 -16.79 9.51
N LYS B 113 -3.81 -17.84 9.94
CA LYS B 113 -4.53 -19.05 10.35
C LYS B 113 -5.57 -18.72 11.41
N GLY B 114 -6.74 -19.35 11.30
CA GLY B 114 -7.84 -19.13 12.22
C GLY B 114 -8.61 -17.85 12.10
N ASP B 115 -8.38 -17.01 11.09
CA ASP B 115 -9.12 -15.76 10.95
C ASP B 115 -10.49 -16.07 10.33
N LYS B 116 -11.48 -15.22 10.47
CA LYS B 116 -12.72 -15.35 9.71
C LYS B 116 -12.25 -15.10 8.24
N PRO B 117 -13.02 -15.59 7.29
CA PRO B 117 -12.72 -15.43 5.89
C PRO B 117 -12.45 -13.98 5.50
N HIS B 118 -11.40 -13.80 4.72
CA HIS B 118 -11.07 -12.49 4.17
C HIS B 118 -11.81 -12.33 2.85
N HIS B 119 -12.11 -11.09 2.50
CA HIS B 119 -12.73 -10.76 1.23
C HIS B 119 -11.66 -10.35 0.23
N TYR B 120 -11.58 -10.99 -0.93
CA TYR B 120 -10.60 -10.62 -1.97
C TYR B 120 -11.34 -9.85 -3.03
N GLN B 121 -11.15 -8.53 -3.07
CA GLN B 121 -11.93 -7.71 -4.03
C GLN B 121 -11.24 -7.70 -5.39
N PHE B 122 -11.80 -8.45 -6.36
CA PHE B 122 -11.32 -8.41 -7.73
C PHE B 122 -12.13 -7.35 -8.40
N LYS B 123 -11.47 -6.33 -8.95
CA LYS B 123 -12.16 -5.27 -9.60
C LYS B 123 -11.63 -4.96 -10.99
N VAL B 124 -12.57 -4.77 -11.90
CA VAL B 124 -12.21 -4.36 -13.26
C VAL B 124 -12.62 -2.90 -13.35
N TRP B 125 -11.69 -2.06 -13.77
CA TRP B 125 -11.90 -0.64 -13.84
C TRP B 125 -12.05 -0.30 -15.33
N ALA B 126 -13.01 0.56 -15.60
CA ALA B 126 -13.20 1.13 -16.93
C ALA B 126 -12.70 2.56 -16.76
N LEU B 127 -11.69 2.97 -17.50
CA LEU B 127 -11.00 4.23 -17.38
C LEU B 127 -11.16 5.18 -18.58
N LYS B 128 -11.10 6.47 -18.29
CA LYS B 128 -11.27 7.55 -19.23
C LYS B 128 -9.97 7.95 -19.90
N THR B 129 -8.91 7.20 -19.68
CA THR B 129 -7.60 7.52 -20.22
CA THR B 129 -7.64 7.53 -20.30
C THR B 129 -7.02 6.27 -20.84
N GLU B 130 -6.38 6.42 -22.02
CA GLU B 130 -5.80 5.29 -22.68
C GLU B 130 -4.65 4.63 -21.92
N LYS B 131 -3.86 5.39 -21.19
CA LYS B 131 -2.64 4.92 -20.57
C LYS B 131 -2.33 5.70 -19.30
N ILE B 132 -1.91 4.99 -18.28
CA ILE B 132 -1.41 5.67 -17.05
C ILE B 132 0.02 5.18 -16.88
N PRO B 133 0.87 6.05 -16.31
CA PRO B 133 2.27 5.77 -16.13
C PRO B 133 2.64 4.80 -15.04
N VAL B 134 2.48 3.48 -15.28
CA VAL B 134 2.87 2.52 -14.27
C VAL B 134 3.91 1.57 -14.77
N ASP B 135 4.76 1.16 -13.83
CA ASP B 135 5.74 0.11 -14.16
C ASP B 135 5.83 -0.87 -12.99
N SER B 136 6.83 -1.76 -13.00
CA SER B 136 7.04 -2.74 -11.97
C SER B 136 7.45 -2.12 -10.63
N ASN B 137 7.73 -0.83 -10.57
CA ASN B 137 7.99 -0.15 -9.31
C ASN B 137 6.75 0.52 -8.72
N SER B 138 5.61 0.59 -9.39
CA SER B 138 4.47 1.32 -8.89
C SER B 138 3.79 0.58 -7.77
N SER B 139 3.77 1.21 -6.58
CA SER B 139 3.05 0.59 -5.48
C SER B 139 1.56 0.44 -5.78
N GLY B 140 0.91 -0.41 -4.97
CA GLY B 140 -0.57 -0.55 -5.11
C GLY B 140 -1.27 0.78 -4.91
N ALA B 141 -0.83 1.55 -3.89
CA ALA B 141 -1.45 2.85 -3.66
C ALA B 141 -1.26 3.83 -4.81
N LEU B 142 -0.07 3.83 -5.43
CA LEU B 142 0.14 4.75 -6.57
C LEU B 142 -0.78 4.40 -7.73
N VAL B 143 -0.90 3.09 -7.99
CA VAL B 143 -1.84 2.65 -9.02
C VAL B 143 -3.27 3.05 -8.67
N GLY B 144 -3.66 2.81 -7.41
CA GLY B 144 -5.04 3.14 -7.00
C GLY B 144 -5.32 4.63 -7.05
N TYR B 145 -4.31 5.45 -6.79
CA TYR B 145 -4.50 6.90 -6.93
C TYR B 145 -4.86 7.25 -8.38
N LEU B 147 -5.97 5.15 -10.80
CA LEU B 147 -7.20 4.54 -11.24
C LEU B 147 -8.39 5.35 -10.71
N ASN B 148 -8.36 5.73 -9.44
CA ASN B 148 -9.45 6.56 -8.91
C ASN B 148 -9.57 7.87 -9.65
N ALA B 149 -8.47 8.49 -10.04
CA ALA B 149 -8.47 9.75 -10.79
C ALA B 149 -9.04 9.59 -12.19
N ASN B 150 -9.05 8.36 -12.74
CA ASN B 150 -9.56 8.23 -14.13
C ASN B 150 -10.74 7.30 -14.26
N LYS B 151 -11.34 6.87 -13.16
CA LYS B 151 -12.43 5.90 -13.17
C LYS B 151 -13.67 6.39 -13.91
N ILE B 152 -14.32 5.56 -14.71
CA ILE B 152 -15.61 5.76 -15.32
C ILE B 152 -16.58 4.88 -14.51
N ALA B 153 -16.22 3.61 -14.37
CA ALA B 153 -17.00 2.66 -13.59
C ALA B 153 -16.08 1.53 -13.14
N THR B 154 -16.52 0.71 -12.19
CA THR B 154 -15.83 -0.43 -11.72
C THR B 154 -16.84 -1.58 -11.62
N ALA B 155 -16.33 -2.77 -11.84
CA ALA B 155 -17.16 -3.99 -11.71
C ALA B 155 -16.40 -4.85 -10.70
N GLU B 156 -17.06 -5.55 -9.78
CA GLU B 156 -16.28 -6.36 -8.85
C GLU B 156 -16.84 -7.76 -8.64
N ILE B 157 -16.00 -8.67 -8.25
CA ILE B 157 -16.30 -10.03 -7.89
C ILE B 157 -15.54 -10.18 -6.56
N THR B 158 -16.18 -10.67 -5.50
CA THR B 158 -15.47 -10.79 -4.21
C THR B 158 -15.59 -12.17 -3.58
N PRO B 159 -14.73 -13.08 -4.02
CA PRO B 159 -14.57 -14.36 -3.38
C PRO B 159 -13.99 -14.15 -2.00
N VAL B 160 -14.01 -15.23 -1.21
CA VAL B 160 -13.48 -15.20 0.14
C VAL B 160 -12.50 -16.39 0.28
N TYR B 161 -11.76 -16.36 1.38
CA TYR B 161 -10.86 -17.46 1.64
C TYR B 161 -10.46 -17.51 3.11
N GLU B 162 -10.54 -18.73 3.68
CA GLU B 162 -10.08 -18.92 5.06
C GLU B 162 -9.22 -20.19 5.11
N ILE B 163 -8.30 -20.31 6.06
CA ILE B 163 -7.53 -21.54 6.18
C ILE B 163 -8.23 -22.34 7.30
N LYS B 164 -8.73 -23.52 6.97
CA LYS B 164 -9.46 -24.33 7.94
C LYS B 164 -8.72 -24.47 9.28
#